data_5CFS
#
_entry.id   5CFS
#
_cell.length_a   40.720
_cell.length_b   45.970
_cell.length_c   89.950
_cell.angle_alpha   90.000
_cell.angle_beta   90.000
_cell.angle_gamma   90.000
#
_symmetry.space_group_name_H-M   'P 21 21 21'
#
loop_
_entity.id
_entity.type
_entity.pdbx_description
1 polymer "AAD(2''),Gentamicin 2''-nucleotidyltransferase,Gentamicin resistance protein"
2 non-polymer 'MANGANESE (II) ION'
3 non-polymer TOBRAMYCIN
4 non-polymer 'DIPHOSPHOMETHYLPHOSPHONIC ACID ADENOSYL ESTER'
5 non-polymer 2-(2-METHOXYETHOXY)ETHANOL
6 non-polymer 'HEXAETHYLENE GLYCOL'
7 water water
#
_entity_poly.entity_id   1
_entity_poly.type   'polypeptide(L)'
_entity_poly.pdbx_seq_one_letter_code
;LEHHHHHHMDTTQVTLIHKILAAADERNLPLWIGGGWAIDARLGRVTRKHDDIDLTFPGERRGELEAIVEMLGGRVMEEL
DYGFLAEIGDELLDCEPAWWADEAYEIAEAPQGSCPEAAEGVIAGRPVRCNSWEAIIWDYFYYADEVPPVDWPTKHIESY
RLACTSLGAEKVEVLRAAFRSRYAA
;
_entity_poly.pdbx_strand_id   A
#
loop_
_chem_comp.id
_chem_comp.type
_chem_comp.name
_chem_comp.formula
APC non-polymer 'DIPHOSPHOMETHYLPHOSPHONIC ACID ADENOSYL ESTER' 'C11 H18 N5 O12 P3'
MN non-polymer 'MANGANESE (II) ION' 'Mn 2'
P6G non-polymer 'HEXAETHYLENE GLYCOL' 'C12 H26 O7'
PG0 non-polymer 2-(2-METHOXYETHOXY)ETHANOL 'C5 H12 O3'
TOY non-polymer TOBRAMYCIN 'C18 H37 N5 O9'
#
# COMPACT_ATOMS: atom_id res chain seq x y z
N ASP A 10 -4.67 12.49 9.99
CA ASP A 10 -4.73 13.92 10.28
C ASP A 10 -4.32 14.74 9.07
N THR A 11 -4.27 16.06 9.24
CA THR A 11 -3.95 16.94 8.12
C THR A 11 -2.47 16.81 7.79
N THR A 12 -1.64 16.54 8.80
CA THR A 12 -0.20 16.34 8.57
C THR A 12 0.03 15.20 7.61
N GLN A 13 -0.55 14.03 7.86
CA GLN A 13 -0.41 12.89 6.95
C GLN A 13 -0.97 13.17 5.57
N VAL A 14 -2.16 13.77 5.54
CA VAL A 14 -2.80 14.02 4.24
C VAL A 14 -1.95 15.01 3.45
N THR A 15 -1.47 16.05 4.12
CA THR A 15 -0.62 17.03 3.46
C THR A 15 0.69 16.39 3.01
N LEU A 16 1.23 15.49 3.82
CA LEU A 16 2.47 14.82 3.49
C LEU A 16 2.29 13.91 2.27
N ILE A 17 1.18 13.17 2.25
CA ILE A 17 0.88 12.33 1.10
C ILE A 17 0.83 13.19 -0.17
N HIS A 18 0.19 14.35 -0.08
CA HIS A 18 0.09 15.26 -1.22
C HIS A 18 1.46 15.72 -1.68
N LYS A 19 2.33 16.06 -0.73
CA LYS A 19 3.67 16.55 -1.04
C LYS A 19 4.54 15.47 -1.69
N ILE A 20 4.44 14.25 -1.19
CA ILE A 20 5.19 13.13 -1.74
C ILE A 20 4.75 12.86 -3.17
N LEU A 21 3.45 12.84 -3.41
CA LEU A 21 2.93 12.48 -4.74
C LEU A 21 3.13 13.62 -5.73
N ALA A 22 3.05 14.86 -5.25
CA ALA A 22 3.34 16.01 -6.10
C ALA A 22 4.78 15.94 -6.60
N ALA A 23 5.70 15.63 -5.71
CA ALA A 23 7.11 15.54 -6.06
C ALA A 23 7.36 14.37 -7.00
N ALA A 24 6.66 13.26 -6.76
CA ALA A 24 6.80 12.08 -7.61
C ALA A 24 6.24 12.35 -9.01
N ASP A 25 5.09 13.03 -9.07
CA ASP A 25 4.49 13.37 -10.35
C ASP A 25 5.47 14.15 -11.22
N GLU A 26 6.18 15.09 -10.60
CA GLU A 26 7.16 15.93 -11.31
C GLU A 26 8.21 15.10 -12.03
N ARG A 27 8.56 13.97 -11.43
N ARG A 27 8.56 13.96 -11.44
CA ARG A 27 9.55 13.06 -12.00
CA ARG A 27 9.56 13.07 -12.02
C ARG A 27 8.93 11.93 -12.82
C ARG A 27 8.93 11.93 -12.82
N ASN A 28 7.62 11.95 -12.98
CA ASN A 28 6.90 10.84 -13.58
C ASN A 28 7.29 9.54 -12.86
N LEU A 29 7.37 9.63 -11.53
CA LEU A 29 7.62 8.47 -10.68
C LEU A 29 6.29 7.98 -10.15
N PRO A 30 5.83 6.81 -10.61
CA PRO A 30 4.58 6.30 -10.04
C PRO A 30 4.78 5.78 -8.63
N LEU A 31 3.85 6.11 -7.74
CA LEU A 31 3.85 5.57 -6.39
C LEU A 31 2.45 5.09 -6.06
N TRP A 32 2.36 3.90 -5.47
CA TRP A 32 1.07 3.35 -5.08
C TRP A 32 0.88 3.38 -3.58
N ILE A 33 -0.21 4.00 -3.15
CA ILE A 33 -0.59 3.94 -1.75
C ILE A 33 -1.05 2.52 -1.44
N GLY A 34 -0.58 1.99 -0.32
CA GLY A 34 -0.97 0.67 0.13
C GLY A 34 -1.62 0.69 1.49
N GLY A 35 -1.92 -0.50 1.99
CA GLY A 35 -2.41 -0.68 3.34
C GLY A 35 -3.64 0.13 3.68
N GLY A 36 -3.67 0.66 4.90
CA GLY A 36 -4.85 1.32 5.40
C GLY A 36 -5.24 2.54 4.60
N TRP A 37 -4.28 3.35 4.19
CA TRP A 37 -4.61 4.52 3.37
C TRP A 37 -5.16 4.09 2.00
N ALA A 38 -4.74 2.93 1.50
CA ALA A 38 -5.21 2.47 0.21
C ALA A 38 -6.68 2.11 0.29
N ILE A 39 -7.08 1.51 1.42
CA ILE A 39 -8.46 1.18 1.65
C ILE A 39 -9.26 2.48 1.66
N ASP A 40 -8.82 3.45 2.44
CA ASP A 40 -9.54 4.72 2.55
C ASP A 40 -9.56 5.45 1.21
N ALA A 41 -8.48 5.33 0.44
CA ALA A 41 -8.43 5.96 -0.87
C ALA A 41 -9.43 5.34 -1.84
N ARG A 42 -9.51 4.01 -1.86
CA ARG A 42 -10.42 3.34 -2.79
C ARG A 42 -11.88 3.62 -2.40
N LEU A 43 -12.12 3.80 -1.10
CA LEU A 43 -13.44 4.16 -0.61
C LEU A 43 -13.76 5.64 -0.75
N GLY A 44 -12.72 6.46 -0.92
CA GLY A 44 -12.89 7.90 -1.02
C GLY A 44 -13.34 8.50 0.30
N ARG A 45 -12.96 7.87 1.39
CA ARG A 45 -13.41 8.27 2.71
C ARG A 45 -12.39 7.91 3.77
N VAL A 46 -12.06 8.87 4.62
CA VAL A 46 -11.19 8.60 5.77
C VAL A 46 -12.02 7.85 6.81
N THR A 47 -11.55 6.68 7.23
CA THR A 47 -12.30 5.83 8.14
C THR A 47 -11.72 5.80 9.55
N ARG A 48 -10.45 6.17 9.68
CA ARG A 48 -9.79 6.20 10.98
C ARG A 48 -8.43 6.86 10.89
N LYS A 49 -7.76 6.99 12.03
CA LYS A 49 -6.38 7.44 12.06
C LYS A 49 -5.49 6.31 11.58
N HIS A 50 -4.45 6.67 10.85
CA HIS A 50 -3.51 5.71 10.28
C HIS A 50 -2.14 5.85 10.90
N ASP A 51 -1.55 4.73 11.31
CA ASP A 51 -0.30 4.76 12.04
C ASP A 51 0.89 5.08 11.15
N ASP A 52 0.84 4.65 9.90
CA ASP A 52 1.89 4.97 8.94
C ASP A 52 1.30 5.20 7.55
N ILE A 53 2.17 5.46 6.59
CA ILE A 53 1.79 5.53 5.18
C ILE A 53 2.54 4.40 4.48
N ASP A 54 1.79 3.47 3.89
CA ASP A 54 2.40 2.37 3.16
C ASP A 54 2.51 2.75 1.69
N LEU A 55 3.70 2.59 1.12
CA LEU A 55 3.98 2.98 -0.26
C LEU A 55 4.60 1.84 -1.05
N THR A 56 4.19 1.73 -2.31
CA THR A 56 4.85 0.83 -3.26
C THR A 56 5.52 1.68 -4.34
N PHE A 57 6.78 1.38 -4.66
CA PHE A 57 7.57 2.18 -5.58
C PHE A 57 8.28 1.30 -6.59
N PRO A 58 8.57 1.82 -7.78
CA PRO A 58 9.39 1.05 -8.73
C PRO A 58 10.75 0.73 -8.13
N GLY A 59 11.05 -0.56 -7.98
CA GLY A 59 12.28 -1.00 -7.34
C GLY A 59 13.54 -0.46 -7.97
N GLU A 60 13.55 -0.31 -9.29
CA GLU A 60 14.75 0.14 -9.98
C GLU A 60 14.94 1.65 -9.87
N ARG A 61 13.94 2.35 -9.33
CA ARG A 61 13.99 3.79 -9.14
C ARG A 61 13.96 4.15 -7.66
N ARG A 62 14.46 3.26 -6.81
CA ARG A 62 14.45 3.49 -5.37
C ARG A 62 15.13 4.79 -4.99
N GLY A 63 16.24 5.09 -5.65
CA GLY A 63 16.99 6.31 -5.38
C GLY A 63 16.17 7.58 -5.54
N GLU A 64 15.23 7.56 -6.49
CA GLU A 64 14.38 8.72 -6.73
C GLU A 64 13.40 8.91 -5.59
N LEU A 65 12.87 7.80 -5.05
CA LEU A 65 11.97 7.91 -3.90
C LEU A 65 12.76 8.36 -2.67
N GLU A 66 13.96 7.82 -2.49
CA GLU A 66 14.81 8.23 -1.39
C GLU A 66 15.15 9.71 -1.48
N ALA A 67 15.43 10.20 -2.68
CA ALA A 67 15.74 11.61 -2.87
C ALA A 67 14.56 12.52 -2.51
N ILE A 68 13.35 12.07 -2.82
CA ILE A 68 12.15 12.81 -2.47
C ILE A 68 11.97 12.86 -0.95
N VAL A 69 12.18 11.72 -0.30
CA VAL A 69 12.11 11.66 1.16
C VAL A 69 13.08 12.66 1.78
N GLU A 70 14.30 12.67 1.26
CA GLU A 70 15.34 13.55 1.77
C GLU A 70 15.02 15.00 1.43
N MET A 71 14.45 15.24 0.25
N MET A 71 14.45 15.25 0.25
CA MET A 71 14.06 16.58 -0.15
CA MET A 71 14.04 16.59 -0.14
C MET A 71 13.00 17.13 0.81
C MET A 71 13.02 17.14 0.83
N LEU A 72 12.15 16.25 1.32
CA LEU A 72 11.08 16.66 2.23
C LEU A 72 11.55 16.71 3.68
N GLY A 73 12.84 16.50 3.91
CA GLY A 73 13.43 16.65 5.23
C GLY A 73 13.49 15.36 6.02
N GLY A 74 13.21 14.23 5.36
CA GLY A 74 13.18 12.94 6.02
C GLY A 74 14.45 12.14 5.80
N ARG A 75 14.44 10.90 6.26
CA ARG A 75 15.57 10.00 6.12
C ARG A 75 15.09 8.56 6.04
N VAL A 76 15.88 7.71 5.39
CA VAL A 76 15.68 6.27 5.46
C VAL A 76 16.12 5.83 6.85
N MET A 77 15.31 5.01 7.51
CA MET A 77 15.56 4.64 8.91
C MET A 77 16.05 3.20 9.08
N GLU A 78 15.58 2.31 8.23
CA GLU A 78 15.78 0.88 8.47
C GLU A 78 15.49 0.08 7.21
N GLU A 79 16.29 -0.95 6.96
CA GLU A 79 15.99 -1.88 5.88
C GLU A 79 15.15 -3.03 6.44
N LEU A 80 14.17 -3.46 5.67
CA LEU A 80 13.27 -4.55 6.04
C LEU A 80 13.44 -5.70 5.07
N ASP A 81 12.90 -6.87 5.41
CA ASP A 81 13.00 -8.01 4.53
C ASP A 81 12.31 -7.75 3.19
N TYR A 82 11.29 -6.90 3.20
CA TYR A 82 10.47 -6.66 2.02
C TYR A 82 10.67 -5.29 1.40
N GLY A 83 11.43 -4.42 2.06
CA GLY A 83 11.58 -3.06 1.58
C GLY A 83 12.36 -2.21 2.56
N PHE A 84 11.85 -1.01 2.83
CA PHE A 84 12.53 -0.14 3.78
C PHE A 84 11.59 0.82 4.47
N LEU A 85 12.08 1.35 5.58
CA LEU A 85 11.34 2.20 6.46
C LEU A 85 11.96 3.60 6.40
N ALA A 86 11.13 4.62 6.14
CA ALA A 86 11.60 5.99 6.15
C ALA A 86 10.76 6.85 7.08
N GLU A 87 11.33 7.99 7.46
CA GLU A 87 10.72 8.89 8.43
C GLU A 87 10.76 10.31 7.88
N ILE A 88 9.60 10.96 7.85
CA ILE A 88 9.56 12.39 7.54
C ILE A 88 8.89 13.09 8.72
N GLY A 89 9.69 13.81 9.49
CA GLY A 89 9.23 14.35 10.75
C GLY A 89 8.82 13.19 11.64
N ASP A 90 7.60 13.23 12.13
CA ASP A 90 7.07 12.19 12.99
C ASP A 90 6.27 11.13 12.22
N GLU A 91 6.30 11.18 10.89
CA GLU A 91 5.49 10.29 10.09
C GLU A 91 6.32 9.17 9.48
N LEU A 92 5.86 7.94 9.63
N LEU A 92 5.77 7.97 9.57
CA LEU A 92 6.56 6.78 9.11
CA LEU A 92 6.44 6.77 9.12
C LEU A 92 6.06 6.40 7.73
C LEU A 92 6.03 6.39 7.69
N LEU A 93 7.00 6.13 6.83
CA LEU A 93 6.74 5.64 5.49
C LEU A 93 7.24 4.21 5.37
N ASP A 94 6.33 3.31 5.04
CA ASP A 94 6.61 1.89 4.97
C ASP A 94 6.64 1.48 3.50
N CYS A 95 7.84 1.33 2.94
CA CYS A 95 8.01 1.28 1.49
C CYS A 95 8.40 -0.10 0.97
N GLU A 96 7.68 -0.56 -0.06
CA GLU A 96 7.97 -1.83 -0.69
C GLU A 96 8.19 -1.66 -2.19
N PRO A 97 9.23 -2.31 -2.75
CA PRO A 97 9.41 -2.21 -4.20
C PRO A 97 8.40 -3.04 -4.98
N ALA A 98 8.11 -2.57 -6.19
CA ALA A 98 7.44 -3.36 -7.21
C ALA A 98 8.36 -3.39 -8.40
N TRP A 99 8.33 -4.48 -9.16
CA TRP A 99 9.27 -4.70 -10.24
C TRP A 99 8.53 -4.88 -11.55
N TRP A 100 9.14 -4.39 -12.63
CA TRP A 100 8.50 -4.44 -13.92
C TRP A 100 8.29 -5.89 -14.37
N ALA A 101 7.03 -6.22 -14.67
CA ALA A 101 6.64 -7.56 -15.11
C ALA A 101 5.84 -7.48 -16.41
N ASP A 102 6.54 -7.63 -17.51
CA ASP A 102 5.96 -7.53 -18.86
C ASP A 102 5.39 -6.16 -19.15
N GLU A 103 4.16 -5.88 -18.72
CA GLU A 103 3.51 -4.60 -19.08
C GLU A 103 2.99 -3.81 -17.87
N ALA A 104 3.45 -4.18 -16.68
CA ALA A 104 3.09 -3.42 -15.48
C ALA A 104 4.06 -3.70 -14.35
N TYR A 105 4.07 -2.83 -13.36
CA TYR A 105 4.82 -3.09 -12.14
C TYR A 105 4.05 -4.07 -11.28
N GLU A 106 4.76 -4.97 -10.61
CA GLU A 106 4.14 -5.93 -9.70
C GLU A 106 4.91 -6.09 -8.40
N ILE A 107 4.18 -6.10 -7.29
CA ILE A 107 4.74 -6.47 -6.00
C ILE A 107 5.11 -7.93 -6.03
N ALA A 108 6.29 -8.28 -5.51
CA ALA A 108 6.73 -9.66 -5.51
C ALA A 108 5.70 -10.56 -4.85
N GLU A 109 5.38 -11.67 -5.52
CA GLU A 109 4.50 -12.73 -5.02
C GLU A 109 3.02 -12.35 -4.97
N ALA A 110 2.68 -11.09 -5.26
CA ALA A 110 1.28 -10.65 -5.17
C ALA A 110 0.49 -11.05 -6.43
N PRO A 111 -0.84 -10.99 -6.35
CA PRO A 111 -1.67 -11.19 -7.54
C PRO A 111 -1.38 -10.17 -8.62
N GLN A 112 -1.44 -10.60 -9.88
CA GLN A 112 -1.28 -9.71 -11.02
C GLN A 112 -2.25 -8.53 -10.89
N GLY A 113 -1.79 -7.36 -11.32
CA GLY A 113 -2.61 -6.16 -11.27
C GLY A 113 -2.47 -5.43 -9.94
N SER A 114 -1.42 -5.77 -9.18
CA SER A 114 -1.22 -5.20 -7.86
C SER A 114 -0.94 -3.70 -7.90
N CYS A 115 -0.42 -3.20 -9.02
CA CYS A 115 0.00 -1.81 -9.19
C CYS A 115 -0.59 -1.24 -10.48
N PRO A 116 -1.90 -0.95 -10.46
CA PRO A 116 -2.56 -0.45 -11.68
C PRO A 116 -2.03 0.91 -12.09
N GLU A 117 -1.92 1.13 -13.41
CA GLU A 117 -1.45 2.41 -13.92
C GLU A 117 -2.45 3.52 -13.61
N ALA A 118 -3.74 3.18 -13.67
CA ALA A 118 -4.80 4.16 -13.41
C ALA A 118 -4.87 4.50 -11.93
N ALA A 119 -5.20 5.75 -11.64
CA ALA A 119 -5.48 6.15 -10.26
C ALA A 119 -6.90 5.74 -9.91
N GLU A 120 -7.03 4.82 -8.97
CA GLU A 120 -8.32 4.23 -8.64
C GLU A 120 -8.79 4.58 -7.24
N GLY A 121 -8.06 5.48 -6.57
CA GLY A 121 -8.49 5.98 -5.28
C GLY A 121 -8.47 7.49 -5.25
N VAL A 122 -8.97 8.05 -4.15
N VAL A 122 -8.97 8.06 -4.16
CA VAL A 122 -8.98 9.50 -3.94
CA VAL A 122 -8.92 9.51 -3.95
C VAL A 122 -8.64 9.82 -2.48
C VAL A 122 -8.66 9.84 -2.50
N ILE A 123 -7.78 10.81 -2.29
CA ILE A 123 -7.48 11.31 -0.96
C ILE A 123 -7.63 12.83 -1.02
N ALA A 124 -8.51 13.36 -0.17
CA ALA A 124 -8.85 14.78 -0.14
C ALA A 124 -9.16 15.33 -1.52
N GLY A 125 -9.98 14.60 -2.27
CA GLY A 125 -10.48 15.06 -3.55
C GLY A 125 -9.58 14.79 -4.75
N ARG A 126 -8.33 14.40 -4.50
CA ARG A 126 -7.36 14.18 -5.58
C ARG A 126 -7.19 12.71 -5.90
N PRO A 127 -7.28 12.34 -7.18
CA PRO A 127 -6.99 10.96 -7.56
C PRO A 127 -5.58 10.53 -7.16
N VAL A 128 -5.45 9.31 -6.67
CA VAL A 128 -4.16 8.74 -6.29
C VAL A 128 -4.09 7.30 -6.76
N ARG A 129 -2.88 6.88 -7.17
CA ARG A 129 -2.65 5.46 -7.44
C ARG A 129 -2.64 4.69 -6.12
N CYS A 130 -3.28 3.53 -6.12
N CYS A 130 -3.33 3.55 -6.15
CA CYS A 130 -3.25 2.69 -4.94
CA CYS A 130 -3.51 2.65 -5.01
C CYS A 130 -3.29 1.24 -5.36
C CYS A 130 -3.21 1.22 -5.44
N ASN A 131 -2.73 0.39 -4.51
CA ASN A 131 -2.68 -1.03 -4.78
C ASN A 131 -4.09 -1.58 -4.94
N SER A 132 -4.20 -2.66 -5.69
CA SER A 132 -5.47 -3.30 -5.97
C SER A 132 -6.09 -3.85 -4.70
N TRP A 133 -7.39 -4.05 -4.72
CA TRP A 133 -8.05 -4.71 -3.58
C TRP A 133 -7.42 -6.07 -3.31
N GLU A 134 -7.14 -6.81 -4.38
N GLU A 134 -7.16 -6.83 -4.37
CA GLU A 134 -6.56 -8.14 -4.23
CA GLU A 134 -6.56 -8.14 -4.21
C GLU A 134 -5.20 -8.08 -3.54
C GLU A 134 -5.22 -8.05 -3.49
N ALA A 135 -4.39 -7.09 -3.89
CA ALA A 135 -3.07 -6.95 -3.29
C ALA A 135 -3.17 -6.56 -1.82
N ILE A 136 -4.12 -5.68 -1.52
CA ILE A 136 -4.36 -5.25 -0.15
C ILE A 136 -4.77 -6.42 0.70
N ILE A 137 -5.69 -7.24 0.18
CA ILE A 137 -6.22 -8.37 0.94
C ILE A 137 -5.17 -9.47 1.07
N TRP A 138 -4.39 -9.68 0.01
CA TRP A 138 -3.31 -10.67 -0.01
C TRP A 138 -2.40 -10.53 1.21
N ASP A 139 -2.08 -9.30 1.58
CA ASP A 139 -1.17 -9.11 2.71
C ASP A 139 -1.78 -9.55 4.03
N TYR A 140 -3.12 -9.54 4.14
CA TYR A 140 -3.76 -10.07 5.33
C TYR A 140 -3.59 -11.57 5.42
N PHE A 141 -3.47 -12.25 4.28
CA PHE A 141 -3.29 -13.69 4.30
C PHE A 141 -1.94 -14.06 4.90
N TYR A 142 -0.89 -13.31 4.55
CA TYR A 142 0.41 -13.50 5.20
C TYR A 142 0.32 -13.30 6.70
N TYR A 143 -0.40 -12.25 7.08
CA TYR A 143 -0.58 -11.92 8.49
C TYR A 143 -1.29 -13.04 9.23
N ALA A 144 -2.34 -13.57 8.63
CA ALA A 144 -3.11 -14.67 9.22
C ALA A 144 -2.24 -15.90 9.47
N ASP A 145 -1.19 -16.06 8.68
CA ASP A 145 -0.33 -17.22 8.81
C ASP A 145 0.64 -17.07 9.99
N GLU A 146 0.92 -15.83 10.40
CA GLU A 146 1.73 -15.56 11.58
C GLU A 146 0.86 -15.51 12.83
N VAL A 147 -0.27 -14.81 12.73
CA VAL A 147 -1.17 -14.59 13.86
C VAL A 147 -2.59 -14.98 13.46
N PRO A 148 -3.24 -15.87 14.23
CA PRO A 148 -4.61 -16.21 13.86
C PRO A 148 -5.50 -14.97 13.84
N PRO A 149 -6.40 -14.85 12.84
CA PRO A 149 -7.25 -13.66 12.72
C PRO A 149 -8.00 -13.31 13.99
N VAL A 150 -8.42 -14.32 14.75
CA VAL A 150 -9.13 -14.08 15.99
C VAL A 150 -8.25 -13.34 17.00
N ASP A 151 -6.93 -13.39 16.81
CA ASP A 151 -5.99 -12.71 17.70
C ASP A 151 -5.45 -11.39 17.12
N TRP A 152 -6.10 -10.87 16.09
CA TRP A 152 -5.73 -9.56 15.56
C TRP A 152 -6.34 -8.44 16.39
N PRO A 153 -5.63 -7.31 16.54
CA PRO A 153 -6.27 -6.11 17.08
C PRO A 153 -7.49 -5.71 16.25
N THR A 154 -8.48 -5.08 16.88
CA THR A 154 -9.74 -4.79 16.20
C THR A 154 -9.51 -3.93 14.95
N LYS A 155 -8.51 -3.04 15.01
CA LYS A 155 -8.06 -2.26 13.86
C LYS A 155 -7.94 -3.10 12.60
N HIS A 156 -7.17 -4.18 12.71
CA HIS A 156 -6.84 -5.03 11.58
C HIS A 156 -8.06 -5.86 11.17
N ILE A 157 -8.84 -6.31 12.15
CA ILE A 157 -10.04 -7.06 11.86
C ILE A 157 -11.03 -6.20 11.05
N GLU A 158 -11.22 -4.96 11.48
CA GLU A 158 -12.20 -4.09 10.85
C GLU A 158 -11.72 -3.65 9.48
N SER A 159 -10.42 -3.41 9.33
CA SER A 159 -9.86 -3.02 8.04
C SER A 159 -10.00 -4.15 7.04
N TYR A 160 -9.70 -5.36 7.50
CA TYR A 160 -9.81 -6.55 6.68
C TYR A 160 -11.24 -6.72 6.19
N ARG A 161 -12.19 -6.60 7.11
CA ARG A 161 -13.59 -6.84 6.80
C ARG A 161 -14.08 -5.79 5.83
N LEU A 162 -13.60 -4.56 5.99
CA LEU A 162 -13.98 -3.49 5.09
C LEU A 162 -13.46 -3.74 3.66
N ALA A 163 -12.20 -4.12 3.55
CA ALA A 163 -11.63 -4.43 2.26
C ALA A 163 -12.36 -5.61 1.64
N CYS A 164 -12.68 -6.62 2.44
N CYS A 164 -12.66 -6.60 2.46
CA CYS A 164 -13.36 -7.79 1.92
CA CYS A 164 -13.37 -7.80 2.03
C CYS A 164 -14.77 -7.47 1.44
C CYS A 164 -14.75 -7.46 1.46
N THR A 165 -15.47 -6.60 2.16
CA THR A 165 -16.81 -6.23 1.75
C THR A 165 -16.75 -5.40 0.46
N SER A 166 -15.70 -4.60 0.31
CA SER A 166 -15.58 -3.77 -0.89
C SER A 166 -15.34 -4.64 -2.14
N LEU A 167 -14.46 -5.61 -2.01
CA LEU A 167 -14.13 -6.49 -3.14
C LEU A 167 -15.24 -7.50 -3.39
N GLY A 168 -15.76 -8.07 -2.30
CA GLY A 168 -16.76 -9.12 -2.36
C GLY A 168 -16.28 -10.36 -1.64
N ALA A 169 -17.07 -10.87 -0.70
CA ALA A 169 -16.62 -11.98 0.13
C ALA A 169 -16.27 -13.22 -0.69
N GLU A 170 -17.05 -13.51 -1.72
CA GLU A 170 -16.80 -14.69 -2.54
C GLU A 170 -15.47 -14.58 -3.27
N LYS A 171 -15.17 -13.39 -3.80
CA LYS A 171 -13.87 -13.16 -4.44
C LYS A 171 -12.73 -13.33 -3.45
N VAL A 172 -12.95 -12.90 -2.21
CA VAL A 172 -11.92 -13.04 -1.19
C VAL A 172 -11.66 -14.51 -0.84
N GLU A 173 -12.73 -15.31 -0.71
N GLU A 173 -12.71 -15.31 -0.72
CA GLU A 173 -12.57 -16.72 -0.36
CA GLU A 173 -12.49 -16.71 -0.33
C GLU A 173 -11.80 -17.47 -1.46
C GLU A 173 -11.81 -17.51 -1.46
N VAL A 174 -12.10 -17.17 -2.71
CA VAL A 174 -11.38 -17.78 -3.84
C VAL A 174 -9.90 -17.33 -3.83
N LEU A 175 -9.68 -16.04 -3.55
CA LEU A 175 -8.31 -15.54 -3.45
C LEU A 175 -7.55 -16.24 -2.32
N ARG A 176 -8.23 -16.45 -1.21
CA ARG A 176 -7.59 -17.14 -0.09
C ARG A 176 -7.23 -18.58 -0.41
N ALA A 177 -8.09 -19.25 -1.18
CA ALA A 177 -7.78 -20.59 -1.66
C ALA A 177 -6.54 -20.59 -2.55
N ALA A 178 -6.39 -19.57 -3.37
CA ALA A 178 -5.22 -19.45 -4.23
C ALA A 178 -3.96 -19.25 -3.39
N PHE A 179 -4.07 -18.43 -2.35
CA PHE A 179 -2.96 -18.21 -1.42
C PHE A 179 -2.56 -19.52 -0.75
N ARG A 180 -3.55 -20.25 -0.23
CA ARG A 180 -3.28 -21.53 0.40
C ARG A 180 -2.56 -22.49 -0.55
N SER A 181 -2.98 -22.49 -1.81
CA SER A 181 -2.39 -23.37 -2.82
C SER A 181 -0.95 -22.99 -3.12
N ARG A 182 -0.70 -21.68 -3.21
CA ARG A 182 0.62 -21.17 -3.51
C ARG A 182 1.60 -21.59 -2.43
N TYR A 183 1.18 -21.48 -1.18
CA TYR A 183 2.10 -21.65 -0.06
C TYR A 183 1.89 -22.95 0.71
N ALA A 184 1.11 -23.86 0.15
CA ALA A 184 0.81 -25.13 0.82
C ALA A 184 2.06 -25.98 0.99
N ALA A 185 2.14 -26.63 2.14
CA ALA A 185 3.22 -27.57 2.43
C ALA A 185 2.78 -28.48 3.57
MN MN B . -0.14 1.08 7.35
MN MN C . 2.90 -0.36 7.42
C11 TOY D . 4.11 -9.23 2.83
O11 TOY D . 4.78 -8.08 3.28
C21 TOY D . 4.63 -10.41 3.65
N21 TOY D . 4.45 -10.16 5.09
C31 TOY D . 6.09 -10.64 3.29
C41 TOY D . 6.28 -10.86 1.80
O41 TOY D . 7.66 -10.99 1.49
C51 TOY D . 5.70 -9.67 1.04
O51 TOY D . 4.33 -9.42 1.44
C61 TOY D . 5.70 -9.93 -0.45
N61 TOY D . 5.08 -8.88 -1.25
C12 TOY D . 4.23 -4.07 4.11
N12 TOY D . 3.74 -2.71 4.41
C22 TOY D . 3.67 -4.56 2.78
C32 TOY D . 4.25 -5.94 2.44
N32 TOY D . 3.65 -6.44 1.20
C42 TOY D . 3.97 -6.93 3.56
C52 TOY D . 4.41 -6.43 4.94
O52 TOY D . 3.95 -7.34 5.92
C62 TOY D . 3.80 -5.06 5.19
O62 TOY D . 4.29 -4.60 6.46
C13 TOY D . 3.52 -4.96 7.58
C23 TOY D . 3.04 -3.67 8.24
O23 TOY D . 2.35 -2.87 7.28
C33 TOY D . 4.23 -2.89 8.79
N33 TOY D . 3.79 -1.65 9.44
C43 TOY D . 4.98 -3.79 9.76
O43 TOY D . 6.10 -3.10 10.29
C53 TOY D . 5.44 -5.04 9.00
O53 TOY D . 4.29 -5.73 8.47
C63 TOY D . 6.17 -6.02 9.86
O63 TOY D . 6.52 -7.18 9.11
PG APC E . -2.72 1.90 9.45
O1G APC E . -3.07 2.32 10.82
O2G APC E . -1.20 1.74 9.24
O3G APC E . -3.23 2.75 8.34
PB APC E . -2.78 -0.72 8.28
O1B APC E . -3.89 -1.57 7.69
O2B APC E . -1.97 -0.08 7.11
O3B APC E . -3.37 0.48 9.13
PA APC E . 0.01 -1.96 8.92
O1A APC E . 0.95 -2.27 10.06
O2A APC E . 0.63 -0.73 8.19
C3A APC E . -1.65 -1.52 9.44
O5' APC E . -0.05 -3.14 7.88
C5' APC E . -1.17 -3.39 7.00
C4' APC E . -0.97 -4.72 6.32
O4' APC E . 0.21 -5.38 6.86
C3' APC E . -2.11 -5.71 6.52
O3' APC E . -2.19 -6.60 5.42
C2' APC E . -1.66 -6.46 7.76
O2' APC E . -2.27 -7.74 7.86
C1' APC E . -0.18 -6.60 7.46
N9 APC E . 0.65 -6.84 8.64
C8 APC E . 0.64 -6.13 9.81
N7 APC E . 1.44 -6.61 10.75
C5 APC E . 2.01 -7.71 10.13
C6 APC E . 2.93 -8.68 10.59
N6 APC E . 3.48 -8.68 11.80
N1 APC E . 3.27 -9.68 9.73
C2 APC E . 2.74 -9.68 8.51
N3 APC E . 1.88 -8.82 7.96
C4 APC E . 1.54 -7.86 8.84
C5 PG0 F . -4.27 15.68 -0.13
O2 PG0 F . -4.19 15.11 -1.43
C4 PG0 F . -3.83 13.74 -1.37
C3 PG0 F . -3.36 13.25 -2.74
O1 PG0 F . -2.60 14.27 -3.37
C2 PG0 F . -2.05 13.83 -4.60
C1 PG0 F . -1.20 14.92 -5.22
OTT PG0 F . -0.74 14.47 -6.50
O1 P6G G . 2.63 22.69 8.48
C2 P6G G . 2.32 21.81 7.39
C3 P6G G . 3.39 22.04 6.33
O4 P6G G . 2.83 22.36 5.07
C5 P6G G . 2.83 23.76 4.85
C6 P6G G . 4.23 24.27 4.54
O7 P6G G . 4.92 23.42 3.65
C8 P6G G . 6.01 24.11 3.07
C9 P6G G . 6.73 23.21 2.09
O10 P6G G . 7.14 22.02 2.76
C11 P6G G . 7.95 21.20 1.92
C12 P6G G . 8.60 20.13 2.78
O13 P6G G . 7.59 19.45 3.52
C14 P6G G . 8.17 18.35 4.21
C15 P6G G . 7.08 17.42 4.70
O16 P6G G . 6.04 18.14 5.37
C17 P6G G . 4.93 17.31 5.64
C18 P6G G . 3.90 18.05 6.47
O19 P6G G . 3.20 18.98 5.64
#